data_5LZ0
#
_entry.id   5LZ0
#
_cell.length_a   78.327
_cell.length_b   65.828
_cell.length_c   48.314
_cell.angle_alpha   90.00
_cell.angle_beta   95.89
_cell.angle_gamma   90.00
#
_symmetry.space_group_name_H-M   'C 1 2 1'
#
loop_
_entity.id
_entity.type
_entity.pdbx_description
1 polymer 'PorM nanobody'
2 water water
#
_entity_poly.entity_id   1
_entity_poly.type   'polypeptide(L)'
_entity_poly.pdbx_seq_one_letter_code
;MADVQLVESGGGLVQAGGSLRVSCAASGRTFSSYSMGWFRQAPGKEREFVAAISRSDNSTYYADSVKGRFTISRDSAKNT
VYLQMNSLKPEDTAVYYCAATPYGSRYYLRELREYDYWGQGTQVTVSSHHHHHH
;
_entity_poly.pdbx_strand_id   A,B
#
# COMPACT_ATOMS: atom_id res chain seq x y z
N GLN A 5 17.20 0.15 8.24
CA GLN A 5 16.39 0.89 7.27
C GLN A 5 14.91 0.42 7.34
N LEU A 6 13.96 1.40 7.48
CA LEU A 6 12.53 1.11 7.65
C LEU A 6 11.68 1.83 6.64
N VAL A 7 10.74 1.10 5.98
CA VAL A 7 9.88 1.71 4.95
C VAL A 7 8.42 1.33 5.21
N GLU A 8 7.55 2.32 5.47
CA GLU A 8 6.11 2.12 5.69
C GLU A 8 5.38 2.09 4.37
N SER A 9 4.20 1.46 4.35
CA SER A 9 3.26 1.49 3.22
C SER A 9 1.82 1.27 3.73
N GLY A 10 0.82 1.55 2.89
CA GLY A 10 -0.58 1.29 3.22
C GLY A 10 -1.45 2.40 3.79
N GLY A 11 -0.98 3.63 3.73
CA GLY A 11 -1.78 4.74 4.25
C GLY A 11 -2.91 5.12 3.32
N GLY A 12 -3.61 6.22 3.65
CA GLY A 12 -4.69 6.71 2.81
C GLY A 12 -5.91 7.18 3.56
N LEU A 13 -6.99 7.40 2.79
CA LEU A 13 -8.26 7.95 3.29
C LEU A 13 -9.23 6.79 3.59
N VAL A 14 -9.86 6.82 4.78
CA VAL A 14 -10.78 5.77 5.21
C VAL A 14 -12.00 6.37 5.96
N GLN A 15 -13.20 5.76 5.82
CA GLN A 15 -14.39 6.29 6.52
C GLN A 15 -14.37 5.99 8.03
N ALA A 16 -15.00 6.86 8.83
CA ALA A 16 -15.12 6.68 10.29
C ALA A 16 -15.86 5.38 10.57
N GLY A 17 -15.29 4.55 11.44
CA GLY A 17 -15.83 3.23 11.74
C GLY A 17 -15.22 2.10 10.92
N GLY A 18 -14.48 2.44 9.86
CA GLY A 18 -13.84 1.48 8.99
C GLY A 18 -12.53 0.93 9.54
N SER A 19 -11.86 0.13 8.72
CA SER A 19 -10.60 -0.59 9.03
C SER A 19 -9.53 -0.24 8.01
N LEU A 20 -8.27 -0.28 8.43
CA LEU A 20 -7.13 -0.03 7.56
C LEU A 20 -5.90 -0.74 8.11
N ARG A 21 -5.05 -1.28 7.24
CA ARG A 21 -3.81 -1.95 7.66
C ARG A 21 -2.63 -1.23 7.04
N VAL A 22 -1.64 -0.85 7.85
CA VAL A 22 -0.39 -0.22 7.38
C VAL A 22 0.75 -1.18 7.68
N SER A 23 1.83 -1.10 6.92
CA SER A 23 2.93 -2.02 7.14
C SER A 23 4.25 -1.30 7.20
N CYS A 24 5.26 -2.00 7.76
CA CYS A 24 6.61 -1.48 7.86
C CYS A 24 7.58 -2.61 7.56
N ALA A 25 8.47 -2.38 6.59
CA ALA A 25 9.46 -3.36 6.18
C ALA A 25 10.85 -2.91 6.59
N ALA A 26 11.62 -3.86 7.11
CA ALA A 26 12.95 -3.56 7.60
C ALA A 26 14.10 -4.03 6.64
N SER A 27 15.35 -4.05 7.16
CA SER A 27 16.58 -4.41 6.43
C SER A 27 16.71 -5.91 6.16
N GLY A 28 16.34 -6.73 7.14
CA GLY A 28 16.35 -8.18 6.99
C GLY A 28 17.30 -8.91 7.92
N ARG A 29 18.52 -8.37 8.03
CA ARG A 29 19.56 -8.97 8.86
C ARG A 29 19.42 -8.50 10.31
N THR A 30 18.66 -7.41 10.52
CA THR A 30 18.39 -6.73 11.79
C THR A 30 16.98 -7.02 12.37
N PHE A 31 16.14 -7.81 11.66
CA PHE A 31 14.78 -8.18 12.09
C PHE A 31 14.65 -8.75 13.50
N SER A 32 15.52 -9.72 13.86
CA SER A 32 15.49 -10.41 15.16
C SER A 32 16.22 -9.69 16.33
N SER A 33 16.93 -8.57 16.08
CA SER A 33 17.65 -7.85 17.13
C SER A 33 16.94 -6.57 17.64
N TYR A 34 15.77 -6.21 17.06
CA TYR A 34 15.05 -4.99 17.41
C TYR A 34 13.52 -5.20 17.54
N SER A 35 12.93 -4.63 18.59
CA SER A 35 11.48 -4.59 18.74
C SER A 35 11.01 -3.49 17.79
N MET A 36 9.75 -3.56 17.37
CA MET A 36 9.18 -2.61 16.42
C MET A 36 8.03 -1.92 17.06
N GLY A 37 7.99 -0.61 16.85
CA GLY A 37 6.91 0.22 17.37
C GLY A 37 6.32 1.10 16.31
N TRP A 38 5.12 1.61 16.61
CA TRP A 38 4.37 2.57 15.81
C TRP A 38 4.09 3.77 16.69
N PHE A 39 4.34 4.95 16.16
CA PHE A 39 4.11 6.25 16.81
C PHE A 39 3.31 7.07 15.83
N ARG A 40 2.51 8.03 16.31
CA ARG A 40 1.76 8.86 15.37
C ARG A 40 1.79 10.33 15.71
N GLN A 41 1.63 11.19 14.70
CA GLN A 41 1.47 12.60 15.01
C GLN A 41 0.18 13.13 14.37
N ALA A 42 -0.76 13.56 15.20
CA ALA A 42 -2.00 14.20 14.77
C ALA A 42 -1.73 15.67 14.44
N PRO A 43 -2.54 16.33 13.55
CA PRO A 43 -2.29 17.74 13.20
C PRO A 43 -2.04 18.67 14.40
N GLY A 44 -0.86 19.31 14.43
CA GLY A 44 -0.49 20.25 15.51
C GLY A 44 -0.08 19.69 16.87
N LYS A 45 -0.26 18.37 17.09
CA LYS A 45 0.05 17.69 18.36
C LYS A 45 1.46 17.09 18.37
N GLU A 46 1.93 16.69 19.56
CA GLU A 46 3.22 16.04 19.75
C GLU A 46 3.10 14.60 19.26
N ARG A 47 4.18 14.02 18.72
CA ARG A 47 4.13 12.64 18.26
C ARG A 47 4.01 11.76 19.49
N GLU A 48 3.16 10.73 19.43
CA GLU A 48 2.86 9.88 20.57
C GLU A 48 2.93 8.40 20.29
N PHE A 49 3.08 7.59 21.36
CA PHE A 49 3.10 6.12 21.21
C PHE A 49 1.76 5.55 20.76
N VAL A 50 1.81 4.50 19.88
CA VAL A 50 0.58 3.85 19.41
C VAL A 50 0.59 2.38 19.81
N ALA A 51 1.63 1.66 19.37
CA ALA A 51 1.70 0.23 19.61
C ALA A 51 3.09 -0.31 19.37
N ALA A 52 3.42 -1.48 19.95
CA ALA A 52 4.74 -2.06 19.75
C ALA A 52 4.69 -3.56 19.90
N ILE A 53 5.66 -4.26 19.29
CA ILE A 53 5.81 -5.70 19.36
C ILE A 53 7.22 -5.97 19.87
N SER A 54 7.31 -6.77 20.95
CA SER A 54 8.58 -7.09 21.61
C SER A 54 9.37 -8.17 20.88
N ARG A 55 10.70 -7.95 20.68
CA ARG A 55 11.54 -8.97 20.03
C ARG A 55 11.75 -10.18 20.99
N SER A 56 11.52 -9.98 22.30
CA SER A 56 11.73 -11.01 23.33
C SER A 56 10.75 -12.18 23.22
N ASP A 57 9.44 -11.89 23.07
CA ASP A 57 8.43 -12.95 23.11
C ASP A 57 7.23 -12.70 22.16
N ASN A 58 7.38 -11.73 21.23
CA ASN A 58 6.32 -11.34 20.30
C ASN A 58 5.02 -10.83 20.98
N SER A 59 5.06 -10.46 22.29
CA SER A 59 3.91 -9.87 22.96
C SER A 59 3.77 -8.42 22.45
N THR A 60 2.54 -7.88 22.49
CA THR A 60 2.25 -6.55 21.94
C THR A 60 1.64 -5.66 23.01
N TYR A 61 1.85 -4.33 22.84
CA TYR A 61 1.50 -3.31 23.80
C TYR A 61 0.89 -2.15 23.07
N TYR A 62 -0.14 -1.54 23.67
CA TYR A 62 -0.94 -0.49 23.03
C TYR A 62 -1.15 0.72 23.89
N ALA A 63 -1.28 1.85 23.23
CA ALA A 63 -1.58 3.10 23.91
C ALA A 63 -3.05 3.04 24.35
N ASP A 64 -3.40 3.73 25.47
CA ASP A 64 -4.76 3.69 26.01
C ASP A 64 -5.86 4.09 25.02
N SER A 65 -5.54 5.06 24.16
CA SER A 65 -6.41 5.62 23.12
C SER A 65 -6.78 4.60 22.04
N VAL A 66 -5.92 3.58 21.81
CA VAL A 66 -6.15 2.61 20.73
C VAL A 66 -6.34 1.13 21.17
N LYS A 67 -6.06 0.82 22.43
CA LYS A 67 -6.11 -0.55 22.93
C LYS A 67 -7.48 -1.15 22.66
N GLY A 68 -7.48 -2.36 22.08
CA GLY A 68 -8.71 -3.07 21.70
C GLY A 68 -9.12 -2.85 20.25
N ARG A 69 -8.80 -1.66 19.69
CA ARG A 69 -9.13 -1.33 18.30
C ARG A 69 -7.96 -1.58 17.34
N PHE A 70 -6.72 -1.35 17.81
CA PHE A 70 -5.54 -1.52 16.97
C PHE A 70 -4.77 -2.74 17.45
N THR A 71 -4.20 -3.49 16.50
CA THR A 71 -3.37 -4.67 16.78
C THR A 71 -2.15 -4.71 15.84
N ILE A 72 -1.01 -5.21 16.34
CA ILE A 72 0.26 -5.37 15.58
C ILE A 72 0.56 -6.88 15.41
N SER A 73 0.95 -7.24 14.19
CA SER A 73 1.36 -8.62 13.85
C SER A 73 2.70 -8.56 13.12
N ARG A 74 3.33 -9.74 12.93
CA ARG A 74 4.64 -9.87 12.29
C ARG A 74 4.59 -10.95 11.21
N ASP A 75 5.33 -10.76 10.11
CA ASP A 75 5.57 -11.77 9.07
C ASP A 75 7.11 -11.79 8.93
N SER A 76 7.77 -12.74 9.61
CA SER A 76 9.23 -12.90 9.62
C SER A 76 9.81 -13.19 8.24
N ALA A 77 9.06 -13.93 7.38
CA ALA A 77 9.47 -14.24 6.00
C ALA A 77 9.71 -12.96 5.19
N LYS A 78 8.78 -11.97 5.32
CA LYS A 78 8.82 -10.70 4.59
C LYS A 78 9.52 -9.59 5.36
N ASN A 79 10.06 -9.90 6.58
CA ASN A 79 10.72 -8.94 7.50
C ASN A 79 9.83 -7.73 7.70
N THR A 80 8.51 -7.99 7.80
CA THR A 80 7.50 -6.92 7.89
C THR A 80 6.63 -7.02 9.15
N VAL A 81 6.27 -5.86 9.72
CA VAL A 81 5.32 -5.72 10.83
C VAL A 81 4.11 -4.99 10.30
N TYR A 82 2.94 -5.33 10.86
CA TYR A 82 1.69 -4.75 10.40
C TYR A 82 0.97 -4.10 11.55
N LEU A 83 0.35 -2.93 11.30
CA LEU A 83 -0.54 -2.29 12.27
C LEU A 83 -1.96 -2.37 11.69
N GLN A 84 -2.80 -3.23 12.27
CA GLN A 84 -4.19 -3.35 11.83
C GLN A 84 -5.02 -2.41 12.66
N MET A 85 -5.84 -1.60 12.00
CA MET A 85 -6.69 -0.62 12.67
C MET A 85 -8.13 -0.96 12.37
N ASN A 86 -8.93 -1.17 13.44
CA ASN A 86 -10.37 -1.45 13.33
C ASN A 86 -11.13 -0.30 14.00
N SER A 87 -12.41 -0.07 13.58
CA SER A 87 -13.32 0.94 14.14
C SER A 87 -12.60 2.30 14.31
N LEU A 88 -12.06 2.79 13.18
CA LEU A 88 -11.29 4.05 13.16
C LEU A 88 -12.12 5.27 13.52
N LYS A 89 -11.53 6.19 14.28
CA LYS A 89 -12.19 7.40 14.78
C LYS A 89 -11.56 8.62 14.10
N PRO A 90 -12.28 9.76 13.96
CA PRO A 90 -11.64 10.95 13.38
C PRO A 90 -10.36 11.37 14.10
N GLU A 91 -10.31 11.14 15.44
CA GLU A 91 -9.18 11.43 16.32
C GLU A 91 -7.93 10.59 15.96
N ASP A 92 -8.09 9.53 15.12
CA ASP A 92 -6.99 8.64 14.73
C ASP A 92 -6.25 9.19 13.50
N THR A 93 -6.75 10.29 12.91
CA THR A 93 -6.13 10.95 11.76
C THR A 93 -4.75 11.40 12.18
N ALA A 94 -3.72 10.97 11.44
CA ALA A 94 -2.34 11.30 11.82
C ALA A 94 -1.35 10.68 10.84
N VAL A 95 -0.08 11.10 10.94
CA VAL A 95 0.98 10.45 10.20
C VAL A 95 1.51 9.35 11.13
N TYR A 96 1.54 8.11 10.63
CA TYR A 96 1.98 6.93 11.40
C TYR A 96 3.40 6.55 11.03
N TYR A 97 4.26 6.48 12.04
CA TYR A 97 5.69 6.20 11.84
C TYR A 97 6.05 4.87 12.44
N CYS A 98 6.82 4.07 11.73
CA CYS A 98 7.33 2.88 12.38
C CYS A 98 8.77 3.14 12.87
N ALA A 99 9.17 2.44 13.95
CA ALA A 99 10.47 2.68 14.54
C ALA A 99 11.00 1.41 15.18
N ALA A 100 12.33 1.33 15.28
CA ALA A 100 13.04 0.18 15.87
C ALA A 100 13.84 0.55 17.11
N THR A 101 13.72 -0.29 18.15
CA THR A 101 14.43 -0.14 19.42
C THR A 101 15.16 -1.46 19.70
N PRO A 102 16.38 -1.42 20.25
CA PRO A 102 17.06 -2.71 20.58
C PRO A 102 16.51 -3.37 21.86
N TYR A 103 15.72 -2.66 22.65
CA TYR A 103 15.14 -3.22 23.90
C TYR A 103 13.93 -4.13 23.63
N GLY A 104 13.71 -5.10 24.51
CA GLY A 104 12.57 -6.00 24.41
C GLY A 104 11.51 -5.71 25.46
N SER A 105 11.91 -5.07 26.57
CA SER A 105 11.01 -4.79 27.69
C SER A 105 9.86 -3.87 27.35
N ARG A 106 8.61 -4.27 27.74
CA ARG A 106 7.40 -3.44 27.56
C ARG A 106 7.56 -2.00 28.02
N TYR A 107 8.32 -1.81 29.12
CA TYR A 107 8.51 -0.48 29.68
C TYR A 107 9.36 0.41 28.80
N TYR A 108 10.17 -0.18 27.94
CA TYR A 108 10.98 0.59 26.99
C TYR A 108 10.22 0.84 25.68
N LEU A 109 9.34 -0.11 25.30
CA LEU A 109 8.62 -0.03 24.03
C LEU A 109 7.67 1.14 23.93
N ARG A 110 7.13 1.64 25.04
CA ARG A 110 6.17 2.75 25.00
C ARG A 110 6.83 4.12 25.03
N GLU A 111 8.18 4.14 25.06
CA GLU A 111 9.00 5.36 25.17
C GLU A 111 9.66 5.79 23.86
N LEU A 112 9.19 6.93 23.28
CA LEU A 112 9.74 7.54 22.05
C LEU A 112 11.26 7.71 22.17
N ARG A 113 11.73 8.14 23.35
CA ARG A 113 13.16 8.44 23.56
C ARG A 113 14.09 7.22 23.32
N GLU A 114 13.53 6.03 23.48
CA GLU A 114 14.28 4.77 23.43
C GLU A 114 14.39 4.10 22.02
N TYR A 115 13.85 4.74 20.97
CA TYR A 115 13.92 4.17 19.63
C TYR A 115 15.08 4.82 18.88
N ASP A 116 15.79 3.99 18.11
CA ASP A 116 17.03 4.36 17.40
C ASP A 116 16.93 4.49 15.88
N TYR A 117 15.91 3.90 15.26
CA TYR A 117 15.70 3.96 13.80
C TYR A 117 14.25 4.31 13.50
N TRP A 118 14.05 5.16 12.49
CA TRP A 118 12.72 5.70 12.18
C TRP A 118 12.41 5.57 10.69
N GLY A 119 11.14 5.33 10.41
CA GLY A 119 10.66 5.33 9.03
C GLY A 119 10.43 6.78 8.62
N GLN A 120 9.74 6.95 7.48
CA GLN A 120 9.42 8.26 6.92
C GLN A 120 7.98 8.71 7.22
N GLY A 121 7.16 7.79 7.67
CA GLY A 121 5.77 8.06 8.02
C GLY A 121 4.82 7.80 6.87
N THR A 122 3.58 7.36 7.19
CA THR A 122 2.51 7.15 6.21
C THR A 122 1.23 7.84 6.72
N GLN A 123 0.61 8.70 5.91
CA GLN A 123 -0.59 9.42 6.35
C GLN A 123 -1.85 8.52 6.40
N VAL A 124 -2.62 8.58 7.51
CA VAL A 124 -3.92 7.90 7.65
C VAL A 124 -4.94 8.99 7.91
N THR A 125 -5.92 9.18 7.01
CA THR A 125 -6.94 10.25 7.20
C THR A 125 -8.29 9.60 7.34
N VAL A 126 -8.92 9.82 8.50
CA VAL A 126 -10.24 9.26 8.80
C VAL A 126 -11.29 10.35 8.59
N SER A 127 -12.20 10.15 7.63
CA SER A 127 -13.29 11.09 7.37
C SER A 127 -14.30 11.13 8.54
N GLN B 5 2.56 -15.35 -9.06
CA GLN B 5 1.33 -14.61 -9.21
C GLN B 5 1.50 -13.10 -9.00
N LEU B 6 0.39 -12.34 -9.12
CA LEU B 6 0.40 -10.86 -9.07
C LEU B 6 -0.37 -10.31 -7.89
N VAL B 7 0.23 -9.36 -7.16
CA VAL B 7 -0.45 -8.79 -6.00
C VAL B 7 -0.52 -7.27 -6.16
N GLU B 8 -1.74 -6.72 -6.13
CA GLU B 8 -1.97 -5.27 -6.22
C GLU B 8 -1.96 -4.67 -4.84
N SER B 9 -1.53 -3.42 -4.73
CA SER B 9 -1.60 -2.67 -3.48
C SER B 9 -1.97 -1.22 -3.75
N GLY B 10 -2.35 -0.52 -2.71
CA GLY B 10 -2.75 0.87 -2.83
C GLY B 10 -4.24 0.96 -3.09
N GLY B 11 -4.66 2.12 -3.52
CA GLY B 11 -6.07 2.32 -3.81
C GLY B 11 -6.79 2.83 -2.60
N GLY B 12 -8.07 2.54 -2.54
CA GLY B 12 -8.90 3.01 -1.45
C GLY B 12 -9.66 4.24 -1.89
N LEU B 13 -10.08 5.04 -0.93
CA LEU B 13 -10.90 6.23 -1.10
C LEU B 13 -10.03 7.43 -1.50
N VAL B 14 -10.58 8.27 -2.38
CA VAL B 14 -9.89 9.46 -2.88
C VAL B 14 -10.92 10.49 -3.29
N GLN B 15 -10.62 11.76 -3.04
CA GLN B 15 -11.51 12.85 -3.40
C GLN B 15 -11.44 13.13 -4.90
N ALA B 16 -12.57 13.56 -5.51
CA ALA B 16 -12.63 13.94 -6.91
C ALA B 16 -11.59 15.04 -7.17
N GLY B 17 -10.92 14.97 -8.31
CA GLY B 17 -9.85 15.90 -8.69
C GLY B 17 -8.49 15.45 -8.17
N GLY B 18 -8.49 14.56 -7.17
CA GLY B 18 -7.25 14.10 -6.54
C GLY B 18 -6.48 13.06 -7.33
N SER B 19 -5.34 12.65 -6.76
CA SER B 19 -4.40 11.68 -7.32
C SER B 19 -4.33 10.45 -6.45
N LEU B 20 -4.01 9.31 -7.06
CA LEU B 20 -3.87 8.04 -6.34
C LEU B 20 -2.98 7.14 -7.17
N ARG B 21 -2.15 6.34 -6.51
CA ARG B 21 -1.31 5.38 -7.21
C ARG B 21 -1.57 3.99 -6.68
N VAL B 22 -1.77 3.03 -7.59
CA VAL B 22 -1.89 1.61 -7.26
C VAL B 22 -0.63 0.92 -7.81
N SER B 23 -0.21 -0.19 -7.20
CA SER B 23 0.97 -0.90 -7.65
C SER B 23 0.67 -2.35 -7.80
N CYS B 24 1.51 -3.06 -8.54
CA CYS B 24 1.34 -4.48 -8.73
C CYS B 24 2.72 -5.10 -8.72
N ALA B 25 2.92 -6.12 -7.88
CA ALA B 25 4.22 -6.79 -7.75
C ALA B 25 4.11 -8.30 -7.94
N ALA B 26 5.24 -8.91 -8.30
CA ALA B 26 5.42 -10.36 -8.41
C ALA B 26 6.63 -10.73 -7.52
N SER B 27 6.59 -11.89 -6.82
CA SER B 27 7.69 -12.36 -5.97
C SER B 27 8.97 -12.55 -6.80
N GLY B 28 10.13 -12.13 -6.27
CA GLY B 28 11.38 -12.22 -7.00
C GLY B 28 11.32 -11.33 -8.21
N ARG B 29 11.55 -11.91 -9.37
CA ARG B 29 11.47 -11.28 -10.64
C ARG B 29 10.69 -12.16 -11.64
N THR B 30 9.56 -12.72 -11.23
CA THR B 30 8.89 -13.71 -12.09
C THR B 30 8.39 -13.40 -13.50
N PHE B 31 7.72 -12.28 -13.60
CA PHE B 31 7.13 -11.79 -14.85
C PHE B 31 7.93 -10.71 -15.55
N SER B 32 9.25 -10.74 -15.40
CA SER B 32 10.07 -9.68 -15.98
C SER B 32 9.98 -9.52 -17.48
N SER B 33 10.01 -10.65 -18.21
CA SER B 33 9.89 -10.73 -19.68
C SER B 33 8.45 -10.50 -20.21
N TYR B 34 7.49 -10.24 -19.31
CA TYR B 34 6.09 -10.00 -19.67
C TYR B 34 5.70 -8.52 -19.70
N SER B 35 4.78 -8.15 -20.60
CA SER B 35 4.19 -6.81 -20.57
C SER B 35 3.12 -6.84 -19.46
N MET B 36 2.91 -5.68 -18.82
CA MET B 36 1.94 -5.55 -17.74
C MET B 36 0.84 -4.63 -18.15
N GLY B 37 -0.38 -5.03 -17.82
CA GLY B 37 -1.55 -4.23 -18.12
C GLY B 37 -2.40 -4.00 -16.91
N TRP B 38 -3.21 -2.95 -16.98
CA TRP B 38 -4.19 -2.57 -15.96
C TRP B 38 -5.57 -2.58 -16.58
N PHE B 39 -6.52 -3.20 -15.88
CA PHE B 39 -7.92 -3.38 -16.31
C PHE B 39 -8.82 -2.93 -15.19
N ARG B 40 -10.03 -2.50 -15.48
CA ARG B 40 -10.89 -2.10 -14.36
C ARG B 40 -12.30 -2.58 -14.57
N GLN B 41 -13.04 -2.76 -13.46
CA GLN B 41 -14.45 -3.11 -13.52
C GLN B 41 -15.27 -2.16 -12.60
N ALA B 42 -16.09 -1.32 -13.22
CA ALA B 42 -17.06 -0.42 -12.56
C ALA B 42 -18.33 -1.20 -12.14
N PRO B 43 -19.07 -0.70 -11.12
CA PRO B 43 -20.28 -1.43 -10.66
C PRO B 43 -21.26 -1.71 -11.80
N GLY B 44 -21.52 -2.99 -12.04
CA GLY B 44 -22.44 -3.49 -13.06
C GLY B 44 -21.91 -3.54 -14.49
N LYS B 45 -20.69 -3.00 -14.74
CA LYS B 45 -20.11 -2.91 -16.08
C LYS B 45 -19.14 -4.03 -16.40
N GLU B 46 -18.84 -4.21 -17.68
CA GLU B 46 -17.89 -5.19 -18.15
C GLU B 46 -16.48 -4.74 -17.73
N ARG B 47 -15.56 -5.68 -17.48
CA ARG B 47 -14.20 -5.25 -17.14
C ARG B 47 -13.61 -4.73 -18.45
N GLU B 48 -12.90 -3.59 -18.39
CA GLU B 48 -12.37 -2.95 -19.62
C GLU B 48 -10.89 -2.64 -19.51
N PHE B 49 -10.24 -2.44 -20.68
CA PHE B 49 -8.82 -2.05 -20.71
C PHE B 49 -8.62 -0.62 -20.13
N VAL B 50 -7.51 -0.42 -19.38
CA VAL B 50 -7.17 0.91 -18.83
C VAL B 50 -5.84 1.41 -19.40
N ALA B 51 -4.80 0.58 -19.26
CA ALA B 51 -3.45 0.97 -19.68
C ALA B 51 -2.52 -0.21 -19.67
N ALA B 52 -1.39 -0.07 -20.39
CA ALA B 52 -0.39 -1.13 -20.48
C ALA B 52 0.95 -0.60 -20.82
N ILE B 53 1.98 -1.37 -20.45
CA ILE B 53 3.38 -1.03 -20.70
C ILE B 53 4.02 -2.18 -21.41
N SER B 54 4.68 -1.91 -22.55
CA SER B 54 5.34 -2.98 -23.32
C SER B 54 6.68 -3.45 -22.73
N ARG B 55 6.93 -4.78 -22.72
CA ARG B 55 8.21 -5.35 -22.25
C ARG B 55 9.32 -5.09 -23.31
N SER B 56 8.90 -4.85 -24.54
CA SER B 56 9.87 -4.63 -25.60
C SER B 56 10.67 -3.36 -25.55
N ASP B 57 10.00 -2.25 -25.26
CA ASP B 57 10.61 -0.96 -25.25
C ASP B 57 10.12 0.06 -24.19
N ASN B 58 9.35 -0.42 -23.24
CA ASN B 58 8.80 0.40 -22.18
C ASN B 58 7.79 1.50 -22.64
N SER B 59 7.26 1.41 -23.86
CA SER B 59 6.26 2.37 -24.32
C SER B 59 4.94 2.04 -23.60
N THR B 60 4.08 3.03 -23.45
CA THR B 60 2.81 2.87 -22.73
C THR B 60 1.62 3.23 -23.62
N TYR B 61 0.46 2.62 -23.33
CA TYR B 61 -0.74 2.74 -24.13
C TYR B 61 -1.90 2.95 -23.17
N TYR B 62 -2.86 3.80 -23.54
CA TYR B 62 -3.98 4.17 -22.66
C TYR B 62 -5.33 4.12 -23.32
N ALA B 63 -6.36 3.70 -22.57
CA ALA B 63 -7.74 3.74 -23.06
C ALA B 63 -8.15 5.20 -23.27
N ASP B 64 -9.08 5.51 -24.21
CA ASP B 64 -9.52 6.88 -24.48
C ASP B 64 -10.05 7.60 -23.24
N SER B 65 -10.71 6.87 -22.34
CA SER B 65 -11.36 7.43 -21.15
C SER B 65 -10.37 7.92 -20.09
N VAL B 66 -9.08 7.47 -20.16
CA VAL B 66 -8.09 7.84 -19.15
C VAL B 66 -6.85 8.51 -19.71
N LYS B 67 -6.65 8.46 -21.06
CA LYS B 67 -5.45 8.99 -21.67
C LYS B 67 -5.23 10.45 -21.31
N GLY B 68 -4.00 10.74 -20.87
CA GLY B 68 -3.58 12.06 -20.38
C GLY B 68 -3.73 12.23 -18.88
N ARG B 69 -4.68 11.51 -18.27
CA ARG B 69 -4.87 11.58 -16.81
C ARG B 69 -4.12 10.47 -16.03
N PHE B 70 -4.03 9.27 -16.62
CA PHE B 70 -3.38 8.11 -16.01
C PHE B 70 -2.10 7.78 -16.77
N THR B 71 -1.05 7.38 -16.02
CA THR B 71 0.25 6.98 -16.54
C THR B 71 0.74 5.71 -15.83
N ILE B 72 1.45 4.83 -16.57
CA ILE B 72 2.05 3.60 -16.03
C ILE B 72 3.56 3.75 -16.00
N SER B 73 4.17 3.31 -14.89
CA SER B 73 5.63 3.29 -14.72
C SER B 73 6.05 1.89 -14.23
N ARG B 74 7.30 1.48 -14.50
CA ARG B 74 7.73 0.14 -14.09
C ARG B 74 9.13 0.17 -13.48
N ASP B 75 9.29 -0.38 -12.26
CA ASP B 75 10.56 -0.41 -11.52
C ASP B 75 11.15 -1.83 -11.54
N SER B 76 12.15 -2.02 -12.43
CA SER B 76 12.91 -3.25 -12.71
C SER B 76 13.50 -3.92 -11.47
N ALA B 77 14.21 -3.13 -10.63
CA ALA B 77 14.86 -3.59 -9.39
C ALA B 77 13.85 -4.14 -8.38
N LYS B 78 12.71 -3.42 -8.18
CA LYS B 78 11.67 -3.80 -7.22
C LYS B 78 10.64 -4.77 -7.81
N ASN B 79 10.75 -5.09 -9.13
CA ASN B 79 9.82 -5.94 -9.87
C ASN B 79 8.35 -5.49 -9.62
N THR B 80 8.10 -4.17 -9.78
CA THR B 80 6.79 -3.56 -9.54
C THR B 80 6.37 -2.64 -10.68
N VAL B 81 5.06 -2.66 -11.03
CA VAL B 81 4.48 -1.74 -12.01
C VAL B 81 3.50 -0.86 -11.25
N TYR B 82 3.38 0.41 -11.68
CA TYR B 82 2.51 1.38 -11.02
C TYR B 82 1.54 1.98 -11.99
N LEU B 83 0.28 2.25 -11.55
CA LEU B 83 -0.71 3.00 -12.32
C LEU B 83 -0.92 4.29 -11.52
N GLN B 84 -0.40 5.41 -12.03
CA GLN B 84 -0.57 6.69 -11.39
C GLN B 84 -1.80 7.34 -11.98
N MET B 85 -2.74 7.73 -11.13
CA MET B 85 -3.99 8.34 -11.55
C MET B 85 -4.05 9.80 -11.09
N ASN B 86 -4.27 10.73 -12.03
CA ASN B 86 -4.38 12.16 -11.70
C ASN B 86 -5.75 12.61 -12.10
N SER B 87 -6.23 13.70 -11.47
CA SER B 87 -7.51 14.31 -11.80
C SER B 87 -8.66 13.28 -11.86
N LEU B 88 -8.75 12.46 -10.81
CA LEU B 88 -9.74 11.42 -10.71
C LEU B 88 -11.16 11.92 -10.74
N LYS B 89 -12.03 11.17 -11.42
CA LYS B 89 -13.44 11.54 -11.60
C LYS B 89 -14.33 10.50 -10.90
N PRO B 90 -15.57 10.86 -10.48
CA PRO B 90 -16.48 9.85 -9.89
C PRO B 90 -16.59 8.56 -10.72
N GLU B 91 -16.65 8.74 -12.06
CA GLU B 91 -16.75 7.65 -13.04
C GLU B 91 -15.48 6.75 -13.12
N ASP B 92 -14.37 7.09 -12.42
CA ASP B 92 -13.19 6.21 -12.38
C ASP B 92 -13.32 5.18 -11.25
N THR B 93 -14.39 5.29 -10.40
CA THR B 93 -14.63 4.33 -9.33
C THR B 93 -14.73 2.96 -9.97
N ALA B 94 -13.92 2.02 -9.49
CA ALA B 94 -13.90 0.65 -10.01
C ALA B 94 -12.89 -0.22 -9.27
N VAL B 95 -12.94 -1.54 -9.50
CA VAL B 95 -11.88 -2.44 -9.03
C VAL B 95 -10.86 -2.48 -10.16
N TYR B 96 -9.59 -2.21 -9.84
CA TYR B 96 -8.46 -2.16 -10.77
C TYR B 96 -7.67 -3.43 -10.64
N TYR B 97 -7.45 -4.12 -11.76
CA TYR B 97 -6.72 -5.39 -11.80
C TYR B 97 -5.45 -5.22 -12.63
N CYS B 98 -4.33 -5.81 -12.20
CA CYS B 98 -3.13 -5.88 -13.03
C CYS B 98 -3.10 -7.26 -13.71
N ALA B 99 -2.45 -7.36 -14.88
CA ALA B 99 -2.35 -8.63 -15.58
C ALA B 99 -1.08 -8.71 -16.40
N ALA B 100 -0.61 -9.93 -16.66
CA ALA B 100 0.63 -10.11 -17.45
C ALA B 100 0.33 -10.80 -18.79
N THR B 101 0.97 -10.34 -19.89
CA THR B 101 0.85 -10.98 -21.21
C THR B 101 2.28 -11.24 -21.75
N PRO B 102 2.52 -12.39 -22.41
CA PRO B 102 3.88 -12.65 -22.94
C PRO B 102 4.28 -11.75 -24.13
N TYR B 103 3.30 -11.07 -24.74
CA TYR B 103 3.45 -10.20 -25.91
C TYR B 103 3.94 -8.80 -25.61
N GLY B 104 4.64 -8.22 -26.57
CA GLY B 104 5.16 -6.87 -26.43
C GLY B 104 4.47 -5.86 -27.32
N SER B 105 3.80 -6.34 -28.40
CA SER B 105 3.12 -5.49 -29.36
C SER B 105 1.95 -4.75 -28.75
N ARG B 106 1.86 -3.45 -29.04
CA ARG B 106 0.74 -2.57 -28.68
C ARG B 106 -0.65 -3.18 -29.05
N TYR B 107 -0.70 -3.88 -30.20
CA TYR B 107 -1.94 -4.50 -30.72
C TYR B 107 -2.47 -5.62 -29.81
N TYR B 108 -1.58 -6.33 -29.11
CA TYR B 108 -1.94 -7.37 -28.15
C TYR B 108 -2.24 -6.76 -26.74
N LEU B 109 -1.56 -5.66 -26.38
CA LEU B 109 -1.65 -5.07 -25.04
C LEU B 109 -3.06 -4.55 -24.63
N ARG B 110 -3.88 -4.17 -25.58
CA ARG B 110 -5.22 -3.66 -25.32
C ARG B 110 -6.33 -4.72 -25.24
N GLU B 111 -5.99 -5.99 -25.51
CA GLU B 111 -6.94 -7.11 -25.58
C GLU B 111 -6.94 -8.01 -24.32
N LEU B 112 -8.05 -7.97 -23.53
CA LEU B 112 -8.18 -8.81 -22.33
C LEU B 112 -7.92 -10.28 -22.58
N ARG B 113 -8.33 -10.78 -23.77
CA ARG B 113 -8.19 -12.21 -24.15
C ARG B 113 -6.71 -12.68 -24.19
N GLU B 114 -5.78 -11.75 -24.35
CA GLU B 114 -4.38 -12.10 -24.57
C GLU B 114 -3.48 -12.11 -23.29
N TYR B 115 -4.07 -11.84 -22.13
CA TYR B 115 -3.33 -11.85 -20.86
C TYR B 115 -3.51 -13.23 -20.25
N ASP B 116 -2.43 -13.77 -19.64
CA ASP B 116 -2.40 -15.13 -19.05
C ASP B 116 -2.35 -15.20 -17.53
N TYR B 117 -2.02 -14.07 -16.84
CA TYR B 117 -1.95 -14.00 -15.37
C TYR B 117 -2.66 -12.75 -14.88
N TRP B 118 -3.46 -12.89 -13.80
CA TRP B 118 -4.30 -11.82 -13.27
C TRP B 118 -4.07 -11.59 -11.79
N GLY B 119 -4.13 -10.32 -11.39
CA GLY B 119 -4.08 -9.94 -9.97
C GLY B 119 -5.43 -10.20 -9.37
N GLN B 120 -5.59 -9.88 -8.08
CA GLN B 120 -6.85 -10.12 -7.37
C GLN B 120 -7.77 -8.90 -7.39
N GLY B 121 -7.22 -7.74 -7.78
CA GLY B 121 -7.98 -6.50 -7.86
C GLY B 121 -7.87 -5.64 -6.63
N THR B 122 -7.92 -4.31 -6.81
CA THR B 122 -7.88 -3.33 -5.71
C THR B 122 -8.93 -2.27 -5.96
N GLN B 123 -9.75 -2.02 -4.95
CA GLN B 123 -10.84 -1.07 -5.06
C GLN B 123 -10.36 0.38 -5.04
N VAL B 124 -10.82 1.21 -6.02
CA VAL B 124 -10.56 2.65 -6.06
C VAL B 124 -11.94 3.29 -6.04
N THR B 125 -12.22 4.07 -4.96
CA THR B 125 -13.52 4.73 -4.82
C THR B 125 -13.31 6.23 -4.83
N VAL B 126 -13.87 6.93 -5.84
CA VAL B 126 -13.68 8.36 -5.98
C VAL B 126 -14.91 9.04 -5.38
N SER B 127 -14.71 9.80 -4.29
CA SER B 127 -15.83 10.50 -3.66
C SER B 127 -15.85 11.98 -4.02
N SER B 128 -17.04 12.58 -3.95
CA SER B 128 -17.21 14.01 -4.21
C SER B 128 -17.28 14.80 -2.89
#